data_5A77
#
_entry.id   5A77
#
_cell.length_a   48.573
_cell.length_b   95.079
_cell.length_c   52.145
_cell.angle_alpha   90.00
_cell.angle_beta   103.71
_cell.angle_gamma   90.00
#
_symmetry.space_group_name_H-M   'P 1 21 1'
#
loop_
_entity.id
_entity.type
_entity.pdbx_description
1 polymer 'DNA ENDONUCLEASE I-CVUI'
2 polymer "14MER DNA, 5'-D(*TP*CP*AP*AP*AP*AP*CP*GP*TP*CP*GP*TP*AP*DCP)-3'"
3 polymer "10MER DNA, 5'-D(*GP*AP*CP*GP*TP*TP*TP*TP* GP*AP*DGP*AP*CP*GP*TP*TP*TP*TP*GP*A)-3'"
4 non-polymer 'MAGNESIUM ION'
5 water water
#
loop_
_entity_poly.entity_id
_entity_poly.type
_entity_poly.pdbx_seq_one_letter_code
_entity_poly.pdbx_strand_id
1 'polypeptide(L)'
;AQPTNFHDQLKFAWLAGFVDADGCINAQIVSREDYLLKYQVRVSLTVFQSTTQHFILLDIQKILGCGTVRKRNDGMSEFC
VVGGTSLQTTLEKLLPYLQLKRAQAKLVLQIIKKLPNTKDPSVLMEAALLADKVGLLTDGKKRTILAENVRECLKKLGHV
VSAALEHHHHHH
;
A,B
2 'polydeoxyribonucleotide' (DT)(DC)(DA)(DA)(DA)(DA)(DC)(DG)(DT)(DC)(DG)(DT)(DA)(DC) C,D
3 'polydeoxyribonucleotide' (DG)(DA)(DC)(DG)(DT)(DT)(DT)(DT)(DG)(DA) E,F
#
loop_
_chem_comp.id
_chem_comp.type
_chem_comp.name
_chem_comp.formula
DA DNA linking 2'-DEOXYADENOSINE-5'-MONOPHOSPHATE 'C10 H14 N5 O6 P'
DC DNA linking 2'-DEOXYCYTIDINE-5'-MONOPHOSPHATE 'C9 H14 N3 O7 P'
DG DNA linking 2'-DEOXYGUANOSINE-5'-MONOPHOSPHATE 'C10 H14 N5 O7 P'
DT DNA linking THYMIDINE-5'-MONOPHOSPHATE 'C10 H15 N2 O8 P'
MG non-polymer 'MAGNESIUM ION' 'Mg 2'
#
# COMPACT_ATOMS: atom_id res chain seq x y z
N ASN A 5 11.01 -18.90 14.34
CA ASN A 5 9.94 -18.76 13.34
C ASN A 5 9.99 -17.41 12.61
N PHE A 6 10.97 -16.57 12.97
CA PHE A 6 10.90 -15.12 12.71
C PHE A 6 11.07 -14.77 11.21
N HIS A 7 11.58 -15.68 10.39
CA HIS A 7 11.55 -15.45 8.94
C HIS A 7 10.08 -15.25 8.55
N ASP A 8 9.20 -16.10 9.09
CA ASP A 8 7.77 -16.00 8.86
C ASP A 8 7.17 -14.73 9.44
N GLN A 9 7.75 -14.18 10.51
CA GLN A 9 7.18 -12.98 11.09
C GLN A 9 7.56 -11.78 10.22
N LEU A 10 8.73 -11.87 9.58
CA LEU A 10 9.17 -10.82 8.68
C LEU A 10 8.26 -10.68 7.47
N LYS A 11 7.73 -11.82 7.02
CA LYS A 11 6.88 -11.91 5.86
C LYS A 11 5.47 -11.51 6.19
N PHE A 12 4.99 -11.89 7.36
CA PHE A 12 3.68 -11.51 7.86
C PHE A 12 3.65 -9.99 8.15
N ALA A 13 4.74 -9.47 8.72
CA ALA A 13 4.84 -8.04 9.00
C ALA A 13 4.85 -7.27 7.69
N TRP A 14 5.58 -7.81 6.71
CA TRP A 14 5.67 -7.19 5.41
C TRP A 14 4.26 -7.16 4.84
N LEU A 15 3.59 -8.31 4.88
CA LEU A 15 2.26 -8.43 4.31
C LEU A 15 1.28 -7.52 5.03
N ALA A 16 1.39 -7.46 6.36
CA ALA A 16 0.57 -6.54 7.12
C ALA A 16 0.76 -5.11 6.61
N GLY A 17 2.00 -4.75 6.31
CA GLY A 17 2.30 -3.44 5.76
C GLY A 17 1.57 -3.24 4.44
N PHE A 18 1.59 -4.27 3.59
CA PHE A 18 0.96 -4.17 2.28
C PHE A 18 -0.57 -4.06 2.39
N VAL A 19 -1.18 -4.99 3.13
CA VAL A 19 -2.61 -4.93 3.48
C VAL A 19 -2.99 -3.54 4.03
N ASP A 20 -2.26 -3.06 5.03
CA ASP A 20 -2.56 -1.75 5.62
C ASP A 20 -2.58 -0.63 4.59
N ALA A 21 -1.66 -0.69 3.64
CA ALA A 21 -1.59 0.32 2.58
C ALA A 21 -2.64 0.09 1.50
N ASP A 22 -2.71 -1.15 1.01
CA ASP A 22 -3.52 -1.47 -0.16
C ASP A 22 -4.55 -2.60 -0.08
N GLY A 23 -4.97 -3.02 1.10
CA GLY A 23 -5.86 -4.15 1.19
C GLY A 23 -7.30 -3.75 1.48
N CYS A 24 -8.03 -4.70 2.06
CA CYS A 24 -9.45 -4.53 2.26
C CYS A 24 -9.84 -5.67 3.15
N ILE A 25 -10.10 -5.36 4.41
CA ILE A 25 -10.68 -6.33 5.33
C ILE A 25 -12.12 -5.93 5.53
N ASN A 26 -13.04 -6.77 5.06
CA ASN A 26 -14.40 -6.33 4.88
C ASN A 26 -15.45 -7.35 5.31
N ALA A 27 -16.69 -6.87 5.43
CA ALA A 27 -17.81 -7.70 5.78
C ALA A 27 -19.02 -7.07 5.14
N GLN A 28 -19.70 -7.82 4.33
CA GLN A 28 -20.73 -7.34 3.46
C GLN A 28 -22.02 -8.15 3.66
N ILE A 29 -23.20 -7.57 3.46
CA ILE A 29 -24.43 -8.31 3.48
C ILE A 29 -24.85 -8.53 2.04
N VAL A 30 -24.76 -9.77 1.58
CA VAL A 30 -25.14 -10.03 0.21
C VAL A 30 -26.47 -10.75 0.18
N SER A 31 -27.29 -10.33 -0.78
CA SER A 31 -28.57 -10.93 -1.08
C SER A 31 -28.40 -12.32 -1.70
N ARG A 32 -29.03 -13.33 -1.11
CA ARG A 32 -29.01 -14.69 -1.60
C ARG A 32 -30.39 -15.34 -1.57
N GLU A 33 -31.09 -15.40 -2.68
CA GLU A 33 -32.50 -15.76 -2.72
C GLU A 33 -32.79 -17.19 -2.24
N ASP A 34 -31.84 -18.09 -2.44
CA ASP A 34 -32.00 -19.49 -2.07
C ASP A 34 -31.67 -19.77 -0.59
N TYR A 35 -31.19 -18.75 0.13
CA TYR A 35 -31.07 -18.83 1.59
C TYR A 35 -32.46 -18.73 2.23
N LEU A 36 -32.70 -19.45 3.33
CA LEU A 36 -33.97 -19.27 4.06
C LEU A 36 -34.14 -17.84 4.55
N LEU A 37 -33.08 -17.31 5.16
CA LEU A 37 -33.07 -15.97 5.71
C LEU A 37 -32.68 -14.91 4.69
N LYS A 38 -32.64 -15.27 3.41
CA LYS A 38 -32.41 -14.32 2.31
C LYS A 38 -31.04 -13.63 2.26
N TYR A 39 -30.27 -13.65 3.35
CA TYR A 39 -29.00 -12.92 3.40
C TYR A 39 -27.82 -13.70 3.99
N GLN A 40 -26.66 -13.48 3.37
CA GLN A 40 -25.38 -13.98 3.86
C GLN A 40 -24.52 -12.79 4.29
N VAL A 41 -23.77 -12.96 5.37
CA VAL A 41 -22.71 -12.02 5.74
C VAL A 41 -21.38 -12.53 5.16
N ARG A 42 -20.93 -11.94 4.07
CA ARG A 42 -19.66 -12.35 3.44
C ARG A 42 -18.49 -11.63 4.10
N VAL A 43 -17.48 -12.38 4.53
CA VAL A 43 -16.27 -11.79 5.10
C VAL A 43 -15.07 -12.05 4.20
N SER A 44 -14.23 -11.03 4.02
CA SER A 44 -13.11 -11.14 3.10
C SER A 44 -11.92 -10.27 3.43
N LEU A 45 -10.73 -10.82 3.19
CA LEU A 45 -9.51 -10.04 3.06
C LEU A 45 -9.18 -9.96 1.56
N THR A 46 -8.89 -8.77 1.06
CA THR A 46 -8.61 -8.62 -0.36
C THR A 46 -7.41 -7.72 -0.58
N VAL A 47 -6.59 -8.06 -1.58
CA VAL A 47 -5.43 -7.25 -1.93
C VAL A 47 -5.38 -6.97 -3.43
N PHE A 48 -5.20 -5.70 -3.79
CA PHE A 48 -5.16 -5.30 -5.18
C PHE A 48 -3.76 -4.94 -5.65
N GLN A 49 -3.51 -5.21 -6.93
CA GLN A 49 -2.30 -4.78 -7.60
C GLN A 49 -2.58 -4.82 -9.08
N SER A 50 -1.92 -3.97 -9.83
CA SER A 50 -2.10 -3.96 -11.27
C SER A 50 -1.64 -5.29 -11.85
N THR A 51 -2.32 -5.76 -12.89
CA THR A 51 -1.97 -7.03 -13.53
C THR A 51 -0.51 -7.05 -13.97
N THR A 52 0.06 -5.90 -14.32
CA THR A 52 1.49 -5.83 -14.71
C THR A 52 2.39 -6.45 -13.64
N GLN A 53 1.98 -6.33 -12.38
CA GLN A 53 2.73 -6.95 -11.29
C GLN A 53 1.88 -8.03 -10.63
N HIS A 54 1.27 -8.86 -11.48
CA HIS A 54 0.39 -9.93 -11.03
C HIS A 54 1.10 -10.90 -10.10
N PHE A 55 2.40 -11.07 -10.33
CA PHE A 55 3.16 -12.11 -9.62
C PHE A 55 3.20 -11.94 -8.10
N ILE A 56 3.00 -10.73 -7.60
CA ILE A 56 3.11 -10.50 -6.15
C ILE A 56 1.88 -11.06 -5.39
N LEU A 57 0.70 -11.04 -6.00
CA LEU A 57 -0.47 -11.63 -5.37
C LEU A 57 -0.31 -13.15 -5.28
N LEU A 58 0.38 -13.72 -6.26
CA LEU A 58 0.70 -15.14 -6.25
C LEU A 58 1.66 -15.45 -5.08
N ASP A 59 2.61 -14.54 -4.86
CA ASP A 59 3.52 -14.64 -3.72
C ASP A 59 2.81 -14.51 -2.38
N ILE A 60 1.80 -13.65 -2.34
CA ILE A 60 1.05 -13.47 -1.12
C ILE A 60 0.29 -14.76 -0.83
N GLN A 61 -0.23 -15.38 -1.88
CA GLN A 61 -0.99 -16.62 -1.79
C GLN A 61 -0.14 -17.75 -1.22
N LYS A 62 1.14 -17.74 -1.57
CA LYS A 62 2.08 -18.76 -1.13
C LYS A 62 2.42 -18.57 0.34
N ILE A 63 2.66 -17.32 0.71
CA ILE A 63 2.97 -16.94 2.08
C ILE A 63 1.87 -17.35 3.05
N LEU A 64 0.63 -17.18 2.62
CA LEU A 64 -0.55 -17.47 3.44
C LEU A 64 -0.98 -18.92 3.34
N GLY A 65 -0.81 -19.51 2.15
CA GLY A 65 -1.23 -20.88 1.91
C GLY A 65 -2.73 -21.00 1.69
N CYS A 66 -3.42 -19.88 1.67
CA CYS A 66 -4.84 -19.84 1.38
C CYS A 66 -5.14 -18.84 0.25
N GLY A 67 -6.34 -18.91 -0.32
CA GLY A 67 -6.87 -17.82 -1.11
C GLY A 67 -6.69 -17.88 -2.62
N THR A 68 -7.62 -17.24 -3.32
CA THR A 68 -7.70 -17.26 -4.77
C THR A 68 -7.16 -16.00 -5.46
N VAL A 69 -6.43 -16.20 -6.56
CA VAL A 69 -5.95 -15.11 -7.39
C VAL A 69 -6.73 -15.03 -8.70
N ARG A 70 -7.26 -13.84 -9.00
CA ARG A 70 -7.89 -13.64 -10.30
C ARG A 70 -7.36 -12.39 -11.00
N LYS A 71 -7.53 -12.36 -12.32
CA LYS A 71 -7.32 -11.17 -13.13
C LYS A 71 -8.66 -10.50 -13.42
N ARG A 72 -8.67 -9.18 -13.43
CA ARG A 72 -9.85 -8.43 -13.71
C ARG A 72 -9.84 -7.92 -15.16
N ASN A 73 -10.98 -7.73 -15.78
CA ASN A 73 -11.02 -7.31 -17.16
C ASN A 73 -10.60 -5.85 -17.35
N ASP A 74 -10.15 -5.20 -16.27
CA ASP A 74 -9.79 -3.78 -16.39
C ASP A 74 -8.28 -3.50 -16.21
N GLY A 75 -7.49 -4.55 -16.04
CA GLY A 75 -6.04 -4.38 -15.89
C GLY A 75 -5.55 -4.49 -14.46
N MET A 76 -6.45 -4.89 -13.57
CA MET A 76 -6.11 -5.10 -12.16
C MET A 76 -6.16 -6.58 -11.85
N SER A 77 -5.40 -7.00 -10.84
CA SER A 77 -5.59 -8.33 -10.27
C SER A 77 -5.96 -8.18 -8.79
N GLU A 78 -6.57 -9.23 -8.25
CA GLU A 78 -6.98 -9.29 -6.85
C GLU A 78 -6.52 -10.58 -6.20
N PHE A 79 -6.03 -10.50 -4.97
CA PHE A 79 -5.90 -11.70 -4.16
C PHE A 79 -7.01 -11.68 -3.13
N CYS A 80 -7.72 -12.79 -2.98
CA CYS A 80 -8.89 -12.81 -2.10
C CYS A 80 -9.00 -14.05 -1.20
N VAL A 81 -9.29 -13.80 0.07
CA VAL A 81 -9.57 -14.88 1.02
C VAL A 81 -10.96 -14.67 1.64
N VAL A 82 -11.92 -15.50 1.21
CA VAL A 82 -13.30 -15.41 1.65
C VAL A 82 -13.59 -16.53 2.64
N GLY A 83 -14.50 -16.27 3.57
CA GLY A 83 -15.00 -17.33 4.43
C GLY A 83 -14.25 -17.47 5.74
N GLY A 84 -15.02 -17.70 6.80
CA GLY A 84 -14.55 -17.64 8.16
C GLY A 84 -13.42 -18.57 8.58
N THR A 85 -13.51 -19.84 8.20
CA THR A 85 -12.46 -20.80 8.55
C THR A 85 -11.08 -20.38 8.00
N SER A 86 -10.97 -20.16 6.70
CA SER A 86 -9.69 -19.71 6.13
C SER A 86 -9.29 -18.28 6.53
N LEU A 87 -10.26 -17.40 6.76
CA LEU A 87 -9.96 -15.99 6.98
C LEU A 87 -9.61 -15.72 8.42
N GLN A 88 -10.07 -16.58 9.33
CA GLN A 88 -9.67 -16.44 10.71
C GLN A 88 -8.19 -16.75 10.83
N THR A 89 -7.78 -17.87 10.23
CA THR A 89 -6.38 -18.29 10.27
C THR A 89 -5.47 -17.18 9.76
N THR A 90 -5.90 -16.48 8.72
CA THR A 90 -5.08 -15.45 8.10
C THR A 90 -5.00 -14.20 8.95
N LEU A 91 -6.15 -13.72 9.42
CA LEU A 91 -6.21 -12.53 10.23
C LEU A 91 -5.36 -12.66 11.51
N GLU A 92 -5.35 -13.84 12.11
CA GLU A 92 -4.51 -14.03 13.29
C GLU A 92 -3.02 -13.99 12.93
N LYS A 93 -2.66 -14.26 11.68
CA LYS A 93 -1.27 -14.06 11.24
C LYS A 93 -0.94 -12.57 11.20
N LEU A 94 -1.82 -11.79 10.59
CA LEU A 94 -1.57 -10.36 10.33
C LEU A 94 -1.96 -9.45 11.51
N LEU A 95 -2.67 -9.99 12.48
CA LEU A 95 -3.20 -9.18 13.57
C LEU A 95 -2.13 -8.55 14.46
N PRO A 96 -1.02 -9.27 14.75
CA PRO A 96 -0.01 -8.59 15.55
C PRO A 96 0.65 -7.40 14.83
N TYR A 97 0.60 -7.34 13.51
CA TYR A 97 1.35 -6.31 12.78
C TYR A 97 0.46 -5.24 12.14
N LEU A 98 -0.79 -5.58 11.85
CA LEU A 98 -1.73 -4.59 11.33
C LEU A 98 -1.82 -3.36 12.23
N GLN A 99 -1.97 -2.21 11.59
CA GLN A 99 -2.06 -0.95 12.25
C GLN A 99 -3.29 -0.24 11.84
N LEU A 100 -3.28 0.21 10.62
CA LEU A 100 -4.39 0.97 10.05
C LEU A 100 -5.69 0.20 9.94
N LYS A 101 -5.62 -1.13 9.99
CA LYS A 101 -6.82 -1.91 9.77
C LYS A 101 -7.06 -2.98 10.85
N ARG A 102 -6.38 -2.86 11.99
CA ARG A 102 -6.58 -3.79 13.08
C ARG A 102 -8.04 -3.84 13.51
N ALA A 103 -8.72 -2.69 13.43
CA ALA A 103 -10.14 -2.58 13.81
C ALA A 103 -11.05 -3.38 12.88
N GLN A 104 -10.88 -3.26 11.57
CA GLN A 104 -11.71 -4.05 10.68
C GLN A 104 -11.42 -5.53 10.84
N ALA A 105 -10.24 -5.88 11.27
CA ALA A 105 -9.96 -7.28 11.50
C ALA A 105 -10.75 -7.86 12.66
N LYS A 106 -10.48 -7.36 13.86
CA LYS A 106 -11.15 -7.76 15.09
C LYS A 106 -12.66 -7.87 14.96
N LEU A 107 -13.26 -6.86 14.34
CA LEU A 107 -14.70 -6.90 14.09
C LEU A 107 -15.04 -8.13 13.27
N VAL A 108 -14.36 -8.29 12.13
CA VAL A 108 -14.54 -9.44 11.27
C VAL A 108 -14.32 -10.75 12.03
N LEU A 109 -13.28 -10.79 12.87
CA LEU A 109 -13.07 -11.96 13.73
C LEU A 109 -14.26 -12.21 14.68
N GLN A 110 -14.88 -11.14 15.17
CA GLN A 110 -16.07 -11.29 16.01
C GLN A 110 -17.24 -11.80 15.17
N ILE A 111 -17.29 -11.37 13.90
CA ILE A 111 -18.32 -11.84 12.98
C ILE A 111 -18.17 -13.34 12.73
N ILE A 112 -16.93 -13.76 12.47
CA ILE A 112 -16.65 -15.16 12.17
C ILE A 112 -17.07 -16.05 13.33
N LYS A 113 -17.00 -15.52 14.56
CA LYS A 113 -17.45 -16.28 15.72
C LYS A 113 -18.90 -16.75 15.55
N LYS A 114 -19.68 -15.95 14.83
CA LYS A 114 -21.12 -16.16 14.77
C LYS A 114 -21.60 -16.87 13.50
N LEU A 115 -20.76 -16.87 12.46
CA LEU A 115 -21.10 -17.49 11.18
C LEU A 115 -21.57 -18.95 11.27
N PRO A 116 -20.93 -19.80 12.13
CA PRO A 116 -21.48 -21.15 12.31
C PRO A 116 -22.95 -21.19 12.72
N ASN A 117 -23.43 -20.17 13.42
CA ASN A 117 -24.81 -20.18 13.93
C ASN A 117 -25.76 -19.26 13.18
N THR A 118 -25.48 -18.98 11.92
CA THR A 118 -26.15 -17.86 11.27
C THR A 118 -27.49 -18.25 10.63
N LYS A 119 -27.83 -19.54 10.66
CA LYS A 119 -29.22 -19.96 10.41
C LYS A 119 -30.24 -19.35 11.41
N ASP A 120 -29.80 -19.05 12.63
CA ASP A 120 -30.68 -18.43 13.61
C ASP A 120 -30.82 -16.93 13.29
N PRO A 121 -32.07 -16.45 13.10
CA PRO A 121 -32.31 -15.05 12.72
C PRO A 121 -31.71 -14.00 13.68
N SER A 122 -31.71 -14.28 14.98
CA SER A 122 -31.09 -13.32 15.89
C SER A 122 -29.57 -13.31 15.73
N VAL A 123 -29.00 -14.46 15.37
CA VAL A 123 -27.56 -14.55 15.18
C VAL A 123 -27.19 -13.91 13.86
N LEU A 124 -28.03 -14.12 12.85
CA LEU A 124 -27.86 -13.44 11.58
C LEU A 124 -27.94 -11.93 11.78
N MET A 125 -28.88 -11.52 12.65
CA MET A 125 -29.16 -10.10 12.86
C MET A 125 -27.94 -9.43 13.49
N GLU A 126 -27.29 -10.18 14.36
CA GLU A 126 -26.10 -9.72 15.03
C GLU A 126 -24.90 -9.53 14.12
N ALA A 127 -24.63 -10.55 13.30
CA ALA A 127 -23.59 -10.47 12.31
C ALA A 127 -23.85 -9.31 11.35
N ALA A 128 -25.11 -9.09 11.00
CA ALA A 128 -25.46 -8.00 10.09
C ALA A 128 -25.19 -6.62 10.72
N LEU A 129 -25.47 -6.45 12.01
CA LEU A 129 -25.17 -5.18 12.68
C LEU A 129 -23.65 -4.96 12.74
N LEU A 130 -22.91 -6.05 12.89
CA LEU A 130 -21.46 -5.98 12.97
C LEU A 130 -20.86 -5.60 11.61
N ALA A 131 -21.38 -6.19 10.53
CA ALA A 131 -20.98 -5.84 9.18
C ALA A 131 -21.05 -4.33 8.93
N ASP A 132 -22.15 -3.71 9.38
CA ASP A 132 -22.32 -2.25 9.25
C ASP A 132 -21.23 -1.45 9.96
N LYS A 133 -20.79 -1.92 11.13
CA LYS A 133 -19.72 -1.23 11.85
C LYS A 133 -18.46 -1.25 11.03
N VAL A 134 -18.17 -2.41 10.43
CA VAL A 134 -17.04 -2.56 9.53
C VAL A 134 -17.24 -1.64 8.33
N GLY A 135 -18.49 -1.43 7.97
CA GLY A 135 -18.83 -0.57 6.86
C GLY A 135 -18.50 0.89 7.12
N LEU A 136 -18.50 1.26 8.40
CA LEU A 136 -18.22 2.65 8.77
C LEU A 136 -16.72 2.95 8.93
N LEU A 137 -15.88 1.95 8.65
CA LEU A 137 -14.43 2.11 8.74
C LEU A 137 -13.77 2.08 7.36
N THR A 138 -14.55 1.61 6.38
CA THR A 138 -14.14 1.64 4.99
C THR A 138 -14.54 2.98 4.37
N ASP A 139 -13.69 3.50 3.50
CA ASP A 139 -13.93 4.73 2.79
C ASP A 139 -15.17 4.62 1.92
N GLY A 140 -15.41 3.42 1.41
CA GLY A 140 -16.52 3.13 0.52
C GLY A 140 -17.86 3.74 0.93
N LYS A 141 -18.52 4.31 -0.07
CA LYS A 141 -19.85 4.86 0.10
C LYS A 141 -20.88 3.97 -0.61
N LYS A 142 -20.42 2.86 -1.16
CA LYS A 142 -21.22 2.01 -2.04
C LYS A 142 -22.23 1.15 -1.27
N ARG A 143 -21.99 1.02 0.02
CA ARG A 143 -22.76 0.16 0.92
C ARG A 143 -24.27 0.42 0.79
N THR A 144 -24.98 -0.50 0.12
CA THR A 144 -26.42 -0.33 -0.12
C THR A 144 -27.28 -1.25 0.76
N ILE A 145 -26.88 -2.50 0.93
CA ILE A 145 -27.58 -3.38 1.87
C ILE A 145 -27.08 -3.15 3.30
N LEU A 146 -28.00 -2.86 4.22
CA LEU A 146 -27.63 -2.65 5.62
C LEU A 146 -28.37 -3.63 6.55
N ALA A 147 -28.12 -3.52 7.84
CA ALA A 147 -28.83 -4.35 8.81
C ALA A 147 -30.31 -4.02 8.82
N GLU A 148 -30.65 -2.75 8.59
CA GLU A 148 -32.05 -2.32 8.51
C GLU A 148 -32.81 -3.18 7.48
N ASN A 149 -32.11 -3.65 6.45
CA ASN A 149 -32.75 -4.40 5.38
C ASN A 149 -32.96 -5.85 5.77
N VAL A 150 -31.95 -6.44 6.41
CA VAL A 150 -32.06 -7.82 6.89
C VAL A 150 -33.18 -7.93 7.92
N ARG A 151 -33.35 -6.94 8.75
CA ARG A 151 -34.33 -7.02 9.81
C ARG A 151 -35.74 -6.88 9.27
N GLU A 152 -35.96 -5.94 8.40
CA GLU A 152 -37.30 -5.82 7.81
C GLU A 152 -37.69 -7.11 7.09
N CYS A 153 -36.76 -7.65 6.31
CA CYS A 153 -37.01 -8.88 5.60
C CYS A 153 -37.21 -10.05 6.58
N LEU A 154 -36.35 -10.16 7.59
CA LEU A 154 -36.52 -11.18 8.62
C LEU A 154 -37.88 -11.04 9.30
N LYS A 155 -38.21 -9.80 9.64
CA LYS A 155 -39.50 -9.42 10.22
C LYS A 155 -40.62 -10.04 9.42
N LYS A 156 -40.47 -9.93 8.11
CA LYS A 156 -41.51 -10.25 7.16
C LYS A 156 -41.58 -11.74 6.84
N LEU A 157 -40.50 -12.47 7.07
CA LEU A 157 -40.54 -13.92 6.96
C LEU A 157 -41.19 -14.48 8.21
N GLY A 158 -41.57 -13.59 9.12
CA GLY A 158 -42.33 -14.00 10.29
C GLY A 158 -41.46 -14.40 11.45
N HIS A 159 -40.15 -14.12 11.34
CA HIS A 159 -39.22 -14.38 12.43
C HIS A 159 -39.20 -13.24 13.45
N VAL A 160 -38.84 -13.58 14.68
CA VAL A 160 -38.72 -12.64 15.78
C VAL A 160 -37.25 -12.40 16.11
N VAL A 161 -36.76 -11.20 15.77
CA VAL A 161 -35.37 -10.86 15.97
C VAL A 161 -35.22 -9.80 17.06
N ASN B 5 16.52 -4.46 17.78
CA ASN B 5 17.13 -5.39 16.83
C ASN B 5 16.07 -6.06 15.95
N PHE B 6 15.53 -7.18 16.43
CA PHE B 6 14.59 -7.99 15.67
C PHE B 6 13.24 -7.27 15.66
N HIS B 7 13.06 -6.37 16.61
CA HIS B 7 11.85 -5.57 16.67
C HIS B 7 11.89 -4.50 15.59
N ASP B 8 13.03 -3.82 15.50
CA ASP B 8 13.24 -2.81 14.47
C ASP B 8 13.10 -3.43 13.08
N GLN B 9 13.52 -4.68 12.94
CA GLN B 9 13.45 -5.35 11.66
C GLN B 9 12.02 -5.70 11.28
N LEU B 10 11.16 -5.86 12.29
CA LEU B 10 9.75 -6.08 12.05
C LEU B 10 9.05 -4.81 11.60
N LYS B 11 9.46 -3.66 12.15
CA LYS B 11 8.93 -2.37 11.72
C LYS B 11 9.39 -2.01 10.30
N PHE B 12 10.65 -2.33 9.99
CA PHE B 12 11.21 -2.05 8.67
C PHE B 12 10.57 -2.94 7.60
N ALA B 13 10.17 -4.15 8.00
CA ALA B 13 9.49 -5.07 7.10
C ALA B 13 8.05 -4.61 6.84
N TRP B 14 7.36 -4.19 7.90
CA TRP B 14 6.03 -3.62 7.77
C TRP B 14 6.08 -2.38 6.87
N LEU B 15 7.03 -1.49 7.13
CA LEU B 15 7.18 -0.27 6.36
C LEU B 15 7.56 -0.56 4.91
N ALA B 16 8.44 -1.53 4.73
CA ALA B 16 8.73 -1.96 3.38
C ALA B 16 7.43 -2.40 2.74
N GLY B 17 6.64 -3.16 3.50
CA GLY B 17 5.35 -3.63 3.03
C GLY B 17 4.49 -2.47 2.59
N PHE B 18 4.57 -1.37 3.34
CA PHE B 18 3.72 -0.21 3.09
C PHE B 18 4.19 0.57 1.87
N VAL B 19 5.49 0.80 1.77
CA VAL B 19 6.06 1.51 0.63
C VAL B 19 5.80 0.77 -0.69
N ASP B 20 5.96 -0.57 -0.70
CA ASP B 20 5.70 -1.34 -1.93
C ASP B 20 4.28 -1.12 -2.46
N ALA B 21 3.36 -0.75 -1.56
CA ALA B 21 1.97 -0.59 -1.95
C ALA B 21 1.62 0.86 -2.20
N ASP B 22 1.96 1.74 -1.25
CA ASP B 22 1.68 3.16 -1.42
C ASP B 22 2.86 4.07 -1.22
N GLY B 23 4.02 3.65 -1.74
CA GLY B 23 5.20 4.49 -1.68
C GLY B 23 5.63 4.97 -3.05
N CYS B 24 6.63 5.84 -3.06
CA CYS B 24 7.16 6.37 -4.29
C CYS B 24 8.64 6.59 -4.09
N ILE B 25 9.45 5.72 -4.69
CA ILE B 25 10.90 5.89 -4.71
C ILE B 25 11.28 6.43 -6.08
N ASN B 26 11.63 7.71 -6.13
CA ASN B 26 11.72 8.40 -7.41
C ASN B 26 13.02 9.16 -7.60
N ALA B 27 13.23 9.62 -8.83
CA ALA B 27 14.37 10.44 -9.18
C ALA B 27 13.94 11.33 -10.33
N GLN B 28 13.87 12.63 -10.04
CA GLN B 28 13.42 13.63 -10.99
C GLN B 28 14.54 14.58 -11.37
N ILE B 29 14.52 15.03 -12.62
CA ILE B 29 15.34 16.14 -13.04
C ILE B 29 14.55 17.44 -12.87
N VAL B 30 14.95 18.29 -11.92
CA VAL B 30 14.27 19.57 -11.78
C VAL B 30 15.15 20.70 -12.27
N SER B 31 14.52 21.61 -13.00
CA SER B 31 15.19 22.81 -13.46
C SER B 31 15.32 23.79 -12.30
N ARG B 32 16.54 24.25 -12.07
CA ARG B 32 16.84 25.24 -11.05
C ARG B 32 17.64 26.36 -11.71
N GLU B 33 17.02 27.53 -11.88
CA GLU B 33 17.61 28.57 -12.74
C GLU B 33 18.85 29.21 -12.12
N ASP B 34 19.03 29.07 -10.82
CA ASP B 34 20.21 29.64 -10.17
C ASP B 34 21.38 28.65 -10.17
N TYR B 35 21.14 27.44 -10.68
CA TYR B 35 22.19 26.43 -10.83
C TYR B 35 23.09 26.77 -12.02
N LEU B 36 24.40 26.57 -11.85
CA LEU B 36 25.36 26.74 -12.95
C LEU B 36 24.97 25.92 -14.17
N LEU B 37 24.68 24.63 -13.95
CA LEU B 37 24.26 23.68 -14.99
C LEU B 37 22.73 23.57 -15.14
N LYS B 38 21.99 24.52 -14.56
CA LYS B 38 20.53 24.61 -14.78
C LYS B 38 19.67 23.46 -14.24
N TYR B 39 20.27 22.32 -13.89
CA TYR B 39 19.46 21.19 -13.45
C TYR B 39 19.99 20.48 -12.21
N GLN B 40 19.05 19.98 -11.42
CA GLN B 40 19.32 19.21 -10.21
C GLN B 40 18.62 17.87 -10.38
N VAL B 41 19.26 16.78 -9.95
CA VAL B 41 18.56 15.51 -9.91
C VAL B 41 18.08 15.29 -8.47
N ARG B 42 16.76 15.26 -8.28
CA ARG B 42 16.19 15.11 -6.95
C ARG B 42 15.90 13.64 -6.69
N VAL B 43 16.41 13.11 -5.58
CA VAL B 43 16.04 11.77 -5.13
C VAL B 43 15.04 11.86 -3.95
N SER B 44 14.05 10.97 -3.92
CA SER B 44 13.08 10.97 -2.81
C SER B 44 12.30 9.67 -2.62
N LEU B 45 12.08 9.34 -1.35
CA LEU B 45 11.09 8.35 -0.98
C LEU B 45 9.88 9.08 -0.43
N THR B 46 8.69 8.80 -0.96
CA THR B 46 7.49 9.47 -0.47
C THR B 46 6.40 8.45 -0.19
N VAL B 47 5.68 8.62 0.92
CA VAL B 47 4.57 7.76 1.28
C VAL B 47 3.29 8.60 1.38
N PHE B 48 2.21 8.11 0.76
CA PHE B 48 0.95 8.84 0.74
C PHE B 48 -0.11 8.24 1.65
N GLN B 49 -0.85 9.09 2.33
CA GLN B 49 -2.02 8.65 3.07
C GLN B 49 -3.02 9.78 3.19
N SER B 50 -4.30 9.41 3.29
CA SER B 50 -5.36 10.39 3.50
C SER B 50 -5.11 11.08 4.83
N THR B 51 -5.44 12.38 4.90
CA THR B 51 -5.23 13.17 6.11
C THR B 51 -6.13 12.65 7.23
N THR B 52 -7.17 11.91 6.83
CA THR B 52 -7.98 11.12 7.75
C THR B 52 -7.10 10.43 8.79
N GLN B 53 -6.05 9.76 8.29
CA GLN B 53 -5.16 9.02 9.16
C GLN B 53 -3.76 9.52 9.02
N HIS B 54 -3.65 10.85 9.09
CA HIS B 54 -2.40 11.56 9.09
C HIS B 54 -1.40 10.99 10.10
N PHE B 55 -1.91 10.36 11.15
CA PHE B 55 -1.05 9.88 12.23
C PHE B 55 -0.04 8.81 11.79
N ILE B 56 -0.41 7.98 10.81
CA ILE B 56 0.46 6.90 10.36
C ILE B 56 1.79 7.44 9.74
N LEU B 57 1.73 8.61 9.09
CA LEU B 57 2.92 9.22 8.50
C LEU B 57 3.88 9.78 9.56
N LEU B 58 3.33 10.20 10.70
CA LEU B 58 4.13 10.59 11.85
C LEU B 58 4.75 9.37 12.54
N ASP B 59 4.04 8.23 12.54
CA ASP B 59 4.61 6.97 13.00
C ASP B 59 5.79 6.54 12.11
N ILE B 60 5.70 6.82 10.81
CA ILE B 60 6.73 6.38 9.89
C ILE B 60 7.96 7.26 10.07
N GLN B 61 7.72 8.55 10.28
CA GLN B 61 8.80 9.49 10.54
C GLN B 61 9.58 9.12 11.79
N LYS B 62 8.88 8.70 12.83
CA LYS B 62 9.50 8.34 14.10
C LYS B 62 10.34 7.09 13.96
N ILE B 63 9.77 6.08 13.29
CA ILE B 63 10.47 4.83 13.01
C ILE B 63 11.77 5.07 12.24
N LEU B 64 11.72 5.98 11.28
CA LEU B 64 12.86 6.24 10.40
C LEU B 64 13.84 7.24 10.99
N GLY B 65 13.31 8.25 11.68
CA GLY B 65 14.14 9.27 12.32
C GLY B 65 14.46 10.43 11.40
N CYS B 66 13.76 10.51 10.28
CA CYS B 66 14.05 11.48 9.25
C CYS B 66 12.76 11.81 8.51
N GLY B 67 12.78 12.89 7.73
CA GLY B 67 11.67 13.17 6.83
C GLY B 67 10.71 14.24 7.31
N THR B 68 10.00 14.85 6.37
CA THR B 68 8.97 15.83 6.69
C THR B 68 7.58 15.31 6.35
N VAL B 69 6.61 15.65 7.20
CA VAL B 69 5.21 15.39 6.91
C VAL B 69 4.52 16.71 6.53
N ARG B 70 3.65 16.69 5.51
CA ARG B 70 2.81 17.84 5.22
C ARG B 70 1.35 17.44 5.00
N LYS B 71 0.46 18.42 5.11
CA LYS B 71 -0.92 18.31 4.69
C LYS B 71 -1.05 18.92 3.29
N ARG B 72 -1.65 18.21 2.35
CA ARG B 72 -1.92 18.77 1.05
C ARG B 72 -3.27 19.48 1.12
N ASN B 73 -3.61 20.30 0.16
CA ASN B 73 -4.82 21.13 0.27
C ASN B 73 -6.07 20.30 -0.07
N ASP B 74 -5.86 19.20 -0.81
CA ASP B 74 -6.96 18.33 -1.24
C ASP B 74 -7.28 17.11 -0.35
N GLY B 75 -6.74 17.08 0.86
CA GLY B 75 -7.14 16.06 1.83
C GLY B 75 -6.25 14.85 1.98
N MET B 76 -5.02 14.95 1.46
CA MET B 76 -4.02 13.90 1.62
C MET B 76 -2.87 14.42 2.44
N SER B 77 -2.12 13.51 3.04
CA SER B 77 -0.85 13.86 3.64
C SER B 77 0.26 13.03 3.00
N GLU B 78 1.43 13.64 2.86
CA GLU B 78 2.62 12.98 2.35
C GLU B 78 3.66 12.96 3.44
N PHE B 79 4.35 11.84 3.60
CA PHE B 79 5.60 11.81 4.34
C PHE B 79 6.74 11.74 3.32
N CYS B 80 7.74 12.61 3.41
CA CYS B 80 8.76 12.59 2.37
C CYS B 80 10.20 12.70 2.85
N VAL B 81 11.05 11.84 2.33
CA VAL B 81 12.49 11.94 2.57
C VAL B 81 13.18 12.36 1.28
N VAL B 82 13.68 13.59 1.26
CA VAL B 82 14.42 14.11 0.11
C VAL B 82 15.92 14.12 0.39
N GLY B 83 16.71 13.84 -0.66
CA GLY B 83 18.14 14.12 -0.66
C GLY B 83 19.04 12.93 -0.34
N GLY B 84 20.25 12.96 -0.90
CA GLY B 84 21.15 11.82 -0.84
C GLY B 84 21.56 11.33 0.53
N THR B 85 22.01 12.24 1.38
CA THR B 85 22.56 11.85 2.68
C THR B 85 21.54 11.24 3.67
N SER B 86 20.27 11.60 3.56
CA SER B 86 19.27 11.04 4.47
C SER B 86 18.41 9.97 3.80
N LEU B 87 18.27 10.03 2.48
CA LEU B 87 17.44 9.07 1.75
C LEU B 87 18.22 7.79 1.54
N GLN B 88 19.54 7.92 1.44
CA GLN B 88 20.42 6.76 1.39
C GLN B 88 20.15 5.95 2.62
N THR B 89 20.33 6.57 3.78
CA THR B 89 20.15 5.90 5.05
C THR B 89 18.79 5.21 5.21
N THR B 90 17.75 5.74 4.57
CA THR B 90 16.46 5.08 4.67
C THR B 90 16.40 3.82 3.78
N LEU B 91 17.09 3.86 2.65
CA LEU B 91 16.97 2.79 1.68
C LEU B 91 17.62 1.50 2.14
N GLU B 92 18.77 1.61 2.75
CA GLU B 92 19.49 0.49 3.29
C GLU B 92 18.72 -0.18 4.43
N LYS B 93 17.74 0.50 4.99
CA LYS B 93 16.87 -0.05 6.02
C LYS B 93 15.84 -0.94 5.37
N LEU B 94 15.25 -0.43 4.30
CA LEU B 94 14.14 -1.09 3.62
C LEU B 94 14.59 -2.14 2.60
N LEU B 95 15.68 -1.83 1.92
CA LEU B 95 16.26 -2.65 0.83
C LEU B 95 16.13 -4.17 1.00
N PRO B 96 16.51 -4.72 2.17
CA PRO B 96 16.36 -6.17 2.32
C PRO B 96 14.90 -6.66 2.26
N TYR B 97 13.94 -5.76 2.39
CA TYR B 97 12.54 -6.18 2.43
C TYR B 97 11.70 -5.65 1.28
N LEU B 98 12.18 -4.62 0.57
CA LEU B 98 11.40 -4.14 -0.57
C LEU B 98 11.34 -5.22 -1.66
N GLN B 99 10.13 -5.60 -2.02
CA GLN B 99 9.99 -6.57 -3.10
C GLN B 99 9.67 -5.83 -4.38
N LEU B 100 8.54 -5.12 -4.39
CA LEU B 100 8.06 -4.46 -5.60
C LEU B 100 8.91 -3.32 -6.10
N LYS B 101 9.54 -2.58 -5.20
CA LYS B 101 10.20 -1.35 -5.59
C LYS B 101 11.71 -1.35 -5.35
N ARG B 102 12.29 -2.54 -5.21
CA ARG B 102 13.71 -2.65 -4.92
C ARG B 102 14.58 -2.14 -6.08
N ALA B 103 14.08 -2.27 -7.31
CA ALA B 103 14.80 -1.74 -8.47
C ALA B 103 14.96 -0.22 -8.37
N GLN B 104 13.85 0.48 -8.10
CA GLN B 104 13.89 1.92 -7.92
C GLN B 104 14.85 2.29 -6.79
N ALA B 105 14.83 1.50 -5.72
CA ALA B 105 15.77 1.71 -4.62
C ALA B 105 17.21 1.64 -5.08
N LYS B 106 17.56 0.54 -5.74
CA LYS B 106 18.94 0.28 -6.14
C LYS B 106 19.44 1.33 -7.13
N LEU B 107 18.57 1.73 -8.06
CA LEU B 107 18.93 2.78 -9.01
C LEU B 107 19.19 4.08 -8.28
N VAL B 108 18.25 4.49 -7.43
CA VAL B 108 18.38 5.70 -6.63
C VAL B 108 19.65 5.69 -5.75
N LEU B 109 20.04 4.53 -5.24
CA LEU B 109 21.30 4.44 -4.52
C LEU B 109 22.52 4.61 -5.45
N GLN B 110 22.41 4.19 -6.70
CA GLN B 110 23.48 4.44 -7.67
C GLN B 110 23.54 5.93 -8.00
N ILE B 111 22.38 6.59 -7.98
CA ILE B 111 22.35 8.04 -8.20
C ILE B 111 22.94 8.82 -7.03
N ILE B 112 22.63 8.39 -5.81
CA ILE B 112 23.12 9.11 -4.63
C ILE B 112 24.64 9.02 -4.61
N LYS B 113 25.17 7.97 -5.22
CA LYS B 113 26.62 7.79 -5.30
C LYS B 113 27.33 8.96 -5.99
N LYS B 114 26.70 9.53 -7.01
CA LYS B 114 27.30 10.57 -7.81
C LYS B 114 26.87 12.02 -7.50
N LEU B 115 25.84 12.19 -6.68
CA LEU B 115 25.36 13.54 -6.34
C LEU B 115 26.45 14.43 -5.75
N PRO B 116 27.33 13.88 -4.89
CA PRO B 116 28.43 14.74 -4.44
C PRO B 116 29.28 15.33 -5.57
N ASN B 117 29.31 14.68 -6.72
CA ASN B 117 30.17 15.14 -7.79
C ASN B 117 29.40 15.76 -8.96
N THR B 118 28.15 16.15 -8.71
CA THR B 118 27.28 16.53 -9.80
C THR B 118 27.57 17.94 -10.35
N LYS B 119 28.61 18.58 -9.83
CA LYS B 119 29.05 19.85 -10.41
C LYS B 119 29.83 19.61 -11.72
N ASP B 120 30.38 18.42 -11.87
CA ASP B 120 30.94 17.96 -13.15
C ASP B 120 29.81 17.66 -14.15
N PRO B 121 29.79 18.35 -15.30
CA PRO B 121 28.74 18.24 -16.33
C PRO B 121 28.57 16.83 -16.91
N SER B 122 29.62 16.02 -16.92
CA SER B 122 29.47 14.64 -17.36
C SER B 122 28.90 13.80 -16.21
N VAL B 123 29.21 14.19 -14.98
CA VAL B 123 28.72 13.45 -13.81
C VAL B 123 27.24 13.74 -13.61
N LEU B 124 26.84 14.98 -13.86
CA LEU B 124 25.42 15.30 -13.85
C LEU B 124 24.71 14.50 -14.95
N MET B 125 25.43 14.24 -16.04
CA MET B 125 24.84 13.54 -17.16
C MET B 125 24.60 12.06 -16.90
N GLU B 126 25.55 11.37 -16.26
CA GLU B 126 25.31 9.98 -15.89
C GLU B 126 24.15 9.91 -14.88
N ALA B 127 23.99 10.97 -14.09
CA ALA B 127 22.95 11.02 -13.07
C ALA B 127 21.56 11.22 -13.70
N ALA B 128 21.46 12.14 -14.67
CA ALA B 128 20.20 12.39 -15.35
C ALA B 128 19.71 11.15 -16.11
N LEU B 129 20.64 10.45 -16.77
CA LEU B 129 20.27 9.26 -17.52
C LEU B 129 19.73 8.12 -16.61
N LEU B 130 20.22 8.07 -15.38
CA LEU B 130 19.73 7.14 -14.38
C LEU B 130 18.37 7.61 -13.86
N ALA B 131 18.12 8.92 -13.92
CA ALA B 131 16.83 9.45 -13.52
C ALA B 131 15.72 8.91 -14.44
N ASP B 132 15.99 8.83 -15.75
CA ASP B 132 15.00 8.34 -16.69
C ASP B 132 14.74 6.87 -16.54
N LYS B 133 15.75 6.11 -16.11
CA LYS B 133 15.56 4.68 -15.93
C LYS B 133 14.67 4.37 -14.73
N VAL B 134 14.83 5.12 -13.65
CA VAL B 134 13.91 5.02 -12.53
C VAL B 134 12.52 5.28 -13.05
N GLY B 135 12.44 6.24 -13.96
CA GLY B 135 11.17 6.67 -14.50
C GLY B 135 10.40 5.64 -15.31
N LEU B 136 11.10 4.80 -16.07
CA LEU B 136 10.45 3.72 -16.82
C LEU B 136 9.77 2.70 -15.88
N LEU B 137 9.96 2.85 -14.56
CA LEU B 137 9.38 1.95 -13.57
C LEU B 137 8.26 2.61 -12.74
N THR B 138 8.49 3.83 -12.28
CA THR B 138 7.41 4.61 -11.65
C THR B 138 6.45 5.04 -12.73
N ASP B 139 5.49 4.20 -13.06
CA ASP B 139 4.75 4.36 -14.31
C ASP B 139 3.47 5.17 -14.27
N GLY B 140 3.66 6.44 -13.94
CA GLY B 140 2.70 7.48 -14.22
C GLY B 140 3.53 8.53 -14.94
N LYS B 141 3.34 8.59 -16.27
CA LYS B 141 4.25 9.31 -17.16
C LYS B 141 3.97 10.80 -17.35
N LYS B 142 3.87 11.51 -16.24
CA LYS B 142 3.56 12.94 -16.33
C LYS B 142 4.85 13.72 -16.43
N ARG B 143 5.95 13.06 -16.79
CA ARG B 143 7.23 13.78 -16.86
C ARG B 143 7.65 14.19 -18.28
N THR B 144 7.83 15.48 -18.45
CA THR B 144 8.25 16.12 -19.68
C THR B 144 9.76 16.23 -19.73
N ILE B 145 10.38 16.35 -18.57
CA ILE B 145 11.80 16.71 -18.46
C ILE B 145 12.77 15.50 -18.41
N LEU B 146 13.46 15.25 -19.52
CA LEU B 146 14.29 14.06 -19.62
C LEU B 146 15.77 14.39 -19.76
N ALA B 147 16.62 13.36 -19.73
CA ALA B 147 18.06 13.55 -19.86
C ALA B 147 18.41 14.32 -21.12
N GLU B 148 17.74 14.00 -22.23
CA GLU B 148 18.02 14.66 -23.52
C GLU B 148 17.91 16.19 -23.42
N ASN B 149 17.05 16.66 -22.51
CA ASN B 149 16.94 18.10 -22.27
C ASN B 149 18.20 18.63 -21.59
N VAL B 150 18.59 17.97 -20.51
CA VAL B 150 19.80 18.32 -19.79
C VAL B 150 21.03 18.29 -20.69
N ARG B 151 21.22 17.19 -21.41
CA ARG B 151 22.41 17.02 -22.22
C ARG B 151 22.50 18.15 -23.26
N GLU B 152 21.37 18.50 -23.85
CA GLU B 152 21.43 19.45 -24.95
C GLU B 152 21.69 20.87 -24.48
N CYS B 153 21.10 21.23 -23.34
CA CYS B 153 21.26 22.56 -22.77
C CYS B 153 22.65 22.68 -22.12
N LEU B 154 23.18 21.54 -21.66
CA LEU B 154 24.57 21.47 -21.21
C LEU B 154 25.47 21.77 -22.38
N LYS B 155 25.12 21.21 -23.54
CA LYS B 155 25.85 21.44 -24.77
C LYS B 155 25.92 22.92 -25.09
N LYS B 156 24.80 23.63 -24.89
CA LYS B 156 24.71 25.06 -25.19
C LYS B 156 25.30 25.96 -24.11
N LEU B 157 25.64 25.42 -22.94
CA LEU B 157 26.31 26.22 -21.93
C LEU B 157 27.80 26.20 -22.20
N GLY B 158 28.19 25.42 -23.20
CA GLY B 158 29.56 25.35 -23.65
C GLY B 158 30.27 24.12 -23.16
N HIS B 159 29.54 23.29 -22.43
CA HIS B 159 30.10 22.10 -21.80
C HIS B 159 30.14 20.90 -22.73
N VAL B 160 31.17 20.06 -22.52
CA VAL B 160 31.42 18.87 -23.33
C VAL B 160 31.09 17.60 -22.55
N VAL B 161 30.01 16.92 -22.94
CA VAL B 161 29.51 15.78 -22.17
C VAL B 161 29.93 14.39 -22.72
N SER B 162 29.46 14.04 -23.92
CA SER B 162 29.51 12.64 -24.36
C SER B 162 30.93 12.11 -24.52
MG MG G . -0.52 0.60 -4.77
MG MG H . -4.11 3.03 0.43
#